data_5ILG
#
_entry.id   5ILG
#
_cell.length_a   44.195
_cell.length_b   93.477
_cell.length_c   114.674
_cell.angle_alpha   90.00
_cell.angle_beta   90.00
_cell.angle_gamma   90.00
#
_symmetry.space_group_name_H-M   'P 2 21 21'
#
loop_
_entity.id
_entity.type
_entity.pdbx_description
1 polymer 'Photoreceptor dehydrogenase, isoform C'
2 non-polymer 'MAGNESIUM ION'
3 non-polymer NICOTINAMIDE-ADENINE-DINUCLEOTIDE
4 non-polymer PHENOL
5 non-polymer 1,2-ETHANEDIOL
6 water water
#
_entity_poly.entity_id   1
_entity_poly.type   'polypeptide(L)'
_entity_poly.pdbx_seq_one_letter_code
;MAHHHHHHVGTSFRGKNAVVTGGAGGIGLQVSKQLLAAGAAKVAIIDLQDNLEEFVKLRAAHPTQSVMIIKMDVANKKGV
EATYEEIAKTFGNIDIVVNVAGIFNDKDVQRTLLVNLGGIINSTLSALPYMGKDNGGKGGIVVNMSSVVGLDPMFIIPVY
GATKAGIINFTRCLANEKYYQRSGIKFVTVCPGATMTDMFTNFTEKIIFPETSDETYRILDRLNKQSAADVSRCILNVLE
KDKNGAVYVIEGKRVYPLEIKPQWTGKEQAL
;
_entity_poly.pdbx_strand_id   A,B
#
# COMPACT_ATOMS: atom_id res chain seq x y z
N HIS A 7 6.37 33.36 22.24
CA HIS A 7 6.68 32.53 21.01
C HIS A 7 7.84 33.10 20.21
N HIS A 8 9.06 32.82 20.68
CA HIS A 8 10.24 33.11 19.91
C HIS A 8 10.23 32.44 18.52
N VAL A 9 10.57 33.23 17.53
CA VAL A 9 10.69 32.74 16.18
C VAL A 9 12.18 32.56 15.85
N GLY A 10 12.56 31.33 15.47
CA GLY A 10 13.89 31.01 15.06
C GLY A 10 14.09 31.26 13.60
N THR A 11 15.19 30.74 13.08
CA THR A 11 15.63 30.97 11.68
C THR A 11 15.86 29.68 10.86
N SER A 12 15.86 28.53 11.51
CA SER A 12 15.94 27.19 10.86
C SER A 12 15.25 27.10 9.46
N PHE A 13 13.97 27.42 9.43
CA PHE A 13 13.21 27.38 8.18
C PHE A 13 12.79 28.77 7.71
N ARG A 14 13.63 29.74 7.96
CA ARG A 14 13.34 31.13 7.60
C ARG A 14 13.14 31.31 6.09
N GLY A 15 12.07 32.01 5.74
CA GLY A 15 11.76 32.29 4.34
C GLY A 15 11.19 31.14 3.54
N LYS A 16 10.79 30.07 4.21
CA LYS A 16 10.29 28.88 3.52
C LYS A 16 8.79 28.80 3.56
N ASN A 17 8.22 28.28 2.48
CA ASN A 17 6.77 28.05 2.38
C ASN A 17 6.49 26.58 2.47
N ALA A 18 5.56 26.25 3.35
CA ALA A 18 5.26 24.86 3.66
C ALA A 18 3.80 24.56 3.57
N VAL A 19 3.50 23.32 3.15
CA VAL A 19 2.19 22.74 3.21
C VAL A 19 2.22 21.51 4.12
N VAL A 20 1.14 21.32 4.90
CA VAL A 20 1.01 20.21 5.85
C VAL A 20 -0.38 19.64 5.78
N THR A 21 -0.51 18.41 5.28
CA THR A 21 -1.80 17.75 5.29
C THR A 21 -1.96 17.17 6.69
N GLY A 22 -3.19 17.17 7.19
CA GLY A 22 -3.48 16.69 8.55
C GLY A 22 -2.98 17.65 9.63
N GLY A 23 -2.78 18.91 9.23
CA GLY A 23 -2.15 19.90 10.08
C GLY A 23 -3.01 20.60 11.11
N ALA A 24 -4.27 20.20 11.21
CA ALA A 24 -5.20 20.80 12.18
C ALA A 24 -5.26 20.08 13.50
N GLY A 25 -4.59 18.95 13.58
CA GLY A 25 -4.62 18.14 14.79
C GLY A 25 -3.48 17.18 14.93
N GLY A 26 -3.41 16.59 16.11
CA GLY A 26 -2.34 15.67 16.49
C GLY A 26 -0.94 16.04 16.07
N ILE A 27 -0.29 15.12 15.37
CA ILE A 27 1.09 15.28 14.92
C ILE A 27 1.25 16.44 13.96
N GLY A 28 0.40 16.45 12.94
CA GLY A 28 0.37 17.52 11.94
C GLY A 28 0.22 18.93 12.51
N LEU A 29 -0.60 19.06 13.53
CA LEU A 29 -0.76 20.35 14.19
C LEU A 29 0.55 20.83 14.76
N GLN A 30 1.23 19.91 15.46
CA GLN A 30 2.51 20.24 16.08
C GLN A 30 3.56 20.53 15.03
N VAL A 31 3.48 19.86 13.89
CA VAL A 31 4.37 20.16 12.76
C VAL A 31 4.15 21.59 12.28
N SER A 32 2.89 21.97 12.12
CA SER A 32 2.53 23.34 11.71
C SER A 32 3.06 24.39 12.73
N LYS A 33 2.73 24.17 14.01
CA LYS A 33 3.20 25.03 15.10
C LYS A 33 4.74 25.20 15.12
N GLN A 34 5.43 24.07 15.06
CA GLN A 34 6.88 24.05 15.16
C GLN A 34 7.58 24.66 13.95
N LEU A 35 7.03 24.43 12.77
CA LEU A 35 7.50 25.11 11.56
C LEU A 35 7.46 26.63 11.72
N LEU A 36 6.35 27.12 12.26
CA LEU A 36 6.18 28.55 12.46
C LEU A 36 7.17 29.05 13.50
N ALA A 37 7.32 28.28 14.58
CA ALA A 37 8.31 28.56 15.62
C ALA A 37 9.75 28.49 15.14
N ALA A 38 9.98 27.73 14.09
CA ALA A 38 11.30 27.62 13.47
C ALA A 38 11.51 28.61 12.36
N GLY A 39 10.55 29.54 12.26
CA GLY A 39 10.66 30.68 11.36
C GLY A 39 10.18 30.56 9.93
N ALA A 40 9.32 29.60 9.66
CA ALA A 40 8.76 29.41 8.33
C ALA A 40 7.92 30.64 7.93
N ALA A 41 8.16 31.14 6.71
CA ALA A 41 7.46 32.32 6.17
C ALA A 41 5.95 32.11 6.09
N LYS A 42 5.58 30.98 5.50
CA LYS A 42 4.19 30.70 5.20
C LYS A 42 3.88 29.23 5.42
N VAL A 43 2.74 28.96 6.03
CA VAL A 43 2.33 27.60 6.33
C VAL A 43 0.88 27.39 5.95
N ALA A 44 0.65 26.45 5.03
CA ALA A 44 -0.71 26.09 4.59
C ALA A 44 -1.09 24.77 5.14
N ILE A 45 -2.29 24.70 5.68
CA ILE A 45 -2.80 23.50 6.28
C ILE A 45 -3.99 22.99 5.46
N ILE A 46 -3.88 21.72 5.09
CA ILE A 46 -4.91 20.99 4.38
C ILE A 46 -5.45 19.95 5.34
N ASP A 47 -6.71 20.08 5.71
CA ASP A 47 -7.33 19.20 6.69
C ASP A 47 -8.84 19.17 6.47
N LEU A 48 -9.51 18.17 6.99
CA LEU A 48 -10.98 18.16 7.01
C LEU A 48 -11.54 19.23 7.98
N GLN A 49 -10.84 19.46 9.09
CA GLN A 49 -11.23 20.42 10.15
C GLN A 49 -10.39 21.70 10.09
N ASP A 50 -10.97 22.82 10.53
CA ASP A 50 -10.20 24.07 10.48
C ASP A 50 -9.58 24.47 11.77
N ASN A 51 -10.12 24.03 12.90
CA ASN A 51 -9.51 24.39 14.18
C ASN A 51 -9.12 25.88 14.33
N LEU A 52 -10.05 26.76 13.95
CA LEU A 52 -9.81 28.22 13.96
C LEU A 52 -9.32 28.77 15.30
N GLU A 53 -9.84 28.26 16.40
CA GLU A 53 -9.52 28.79 17.73
C GLU A 53 -8.04 28.61 18.00
N GLU A 54 -7.52 27.45 17.67
CA GLU A 54 -6.06 27.20 17.70
C GLU A 54 -5.25 28.11 16.72
N PHE A 55 -5.75 28.30 15.51
CA PHE A 55 -5.06 29.08 14.48
C PHE A 55 -5.18 30.60 14.57
N VAL A 56 -6.30 31.09 15.05
CA VAL A 56 -6.40 32.51 15.40
C VAL A 56 -5.31 32.90 16.38
N LYS A 57 -5.13 32.13 17.44
CA LYS A 57 -4.06 32.40 18.42
C LYS A 57 -2.67 32.22 17.85
N LEU A 58 -2.53 31.26 16.96
CA LEU A 58 -1.24 30.98 16.34
C LEU A 58 -0.83 32.12 15.39
N ARG A 59 -1.79 32.62 14.61
CA ARG A 59 -1.61 33.81 13.74
C ARG A 59 -1.14 35.04 14.51
N ALA A 60 -1.79 35.28 15.66
CA ALA A 60 -1.45 36.35 16.58
C ALA A 60 -0.02 36.26 17.14
N ALA A 61 0.41 35.05 17.47
CA ALA A 61 1.79 34.79 17.97
C ALA A 61 2.85 34.83 16.86
N HIS A 62 2.39 34.82 15.61
CA HIS A 62 3.27 34.87 14.47
C HIS A 62 2.76 35.87 13.45
N PRO A 63 2.74 37.17 13.83
CA PRO A 63 2.05 38.20 13.01
C PRO A 63 2.73 38.50 11.70
N THR A 64 3.98 38.11 11.56
CA THR A 64 4.71 38.31 10.31
C THR A 64 4.74 37.06 9.45
N GLN A 65 3.93 36.08 9.80
CA GLN A 65 3.93 34.81 9.09
C GLN A 65 2.50 34.44 8.67
N SER A 66 2.38 33.99 7.44
CA SER A 66 1.07 33.55 6.92
C SER A 66 0.70 32.17 7.46
N VAL A 67 -0.55 32.04 7.88
CA VAL A 67 -1.09 30.77 8.29
C VAL A 67 -2.41 30.59 7.54
N MET A 68 -2.43 29.67 6.57
CA MET A 68 -3.61 29.47 5.71
C MET A 68 -4.21 28.11 5.94
N ILE A 69 -5.52 28.06 6.14
CA ILE A 69 -6.24 26.78 6.30
C ILE A 69 -7.24 26.58 5.15
N ILE A 70 -7.17 25.42 4.51
CA ILE A 70 -8.12 25.02 3.49
C ILE A 70 -8.73 23.70 3.87
N LYS A 71 -10.07 23.67 3.94
CA LYS A 71 -10.83 22.45 4.23
C LYS A 71 -10.96 21.56 3.00
N MET A 72 -10.26 20.41 3.01
CA MET A 72 -10.28 19.50 1.88
C MET A 72 -9.97 18.10 2.31
N ASP A 73 -10.70 17.16 1.71
CA ASP A 73 -10.47 15.74 1.85
C ASP A 73 -9.30 15.36 0.94
N VAL A 74 -8.23 14.81 1.51
CA VAL A 74 -7.06 14.41 0.71
C VAL A 74 -7.33 13.27 -0.30
N ALA A 75 -8.39 12.50 -0.06
CA ALA A 75 -8.83 11.45 -1.01
C ALA A 75 -9.32 12.02 -2.34
N ASN A 76 -9.90 13.21 -2.30
CA ASN A 76 -10.40 13.90 -3.46
C ASN A 76 -9.27 14.43 -4.34
N LYS A 77 -9.05 13.76 -5.47
CA LYS A 77 -7.96 14.13 -6.40
C LYS A 77 -8.08 15.58 -6.91
N LYS A 78 -9.25 15.92 -7.47
CA LYS A 78 -9.48 17.28 -8.04
C LYS A 78 -9.49 18.37 -6.99
N GLY A 79 -10.13 18.06 -5.88
CA GLY A 79 -10.13 18.91 -4.70
C GLY A 79 -8.73 19.29 -4.26
N VAL A 80 -7.87 18.28 -4.08
CA VAL A 80 -6.46 18.49 -3.69
C VAL A 80 -5.71 19.33 -4.74
N GLU A 81 -5.91 18.97 -6.00
CA GLU A 81 -5.36 19.75 -7.13
C GLU A 81 -5.75 21.26 -7.08
N ALA A 82 -7.02 21.48 -6.83
CA ALA A 82 -7.59 22.81 -6.74
C ALA A 82 -6.99 23.55 -5.57
N THR A 83 -6.99 22.87 -4.43
CA THR A 83 -6.34 23.36 -3.19
C THR A 83 -4.91 23.78 -3.41
N TYR A 84 -4.15 22.96 -4.10
CA TYR A 84 -2.75 23.32 -4.38
C TYR A 84 -2.63 24.59 -5.24
N GLU A 85 -3.55 24.73 -6.19
CA GLU A 85 -3.58 25.93 -7.05
C GLU A 85 -3.79 27.18 -6.20
N GLU A 86 -4.76 27.10 -5.29
CA GLU A 86 -5.05 28.19 -4.39
C GLU A 86 -3.84 28.59 -3.52
N ILE A 87 -3.13 27.59 -3.03
CA ILE A 87 -1.93 27.76 -2.22
C ILE A 87 -0.84 28.44 -3.03
N ALA A 88 -0.64 27.97 -4.24
CA ALA A 88 0.40 28.53 -5.09
C ALA A 88 0.09 29.97 -5.50
N LYS A 89 -1.18 30.30 -5.70
CA LYS A 89 -1.54 31.68 -6.02
C LYS A 89 -1.22 32.59 -4.84
N THR A 90 -1.58 32.15 -3.65
CA THR A 90 -1.37 32.93 -2.44
C THR A 90 0.11 33.00 -2.01
N PHE A 91 0.72 31.86 -1.88
CA PHE A 91 2.10 31.75 -1.39
C PHE A 91 3.08 32.17 -2.44
N GLY A 92 2.80 31.76 -3.67
CA GLY A 92 3.67 32.06 -4.81
C GLY A 92 4.73 31.02 -5.10
N ASN A 93 5.07 30.22 -4.11
CA ASN A 93 6.01 29.09 -4.30
C ASN A 93 5.90 28.09 -3.15
N ILE A 94 6.32 26.86 -3.39
CA ILE A 94 6.24 25.80 -2.37
C ILE A 94 7.58 25.12 -2.20
N ASP A 95 8.10 25.11 -0.96
CA ASP A 95 9.43 24.55 -0.66
C ASP A 95 9.43 23.25 0.10
N ILE A 96 8.36 23.06 0.87
CA ILE A 96 8.23 21.97 1.83
C ILE A 96 6.79 21.44 1.86
N VAL A 97 6.66 20.14 1.76
CA VAL A 97 5.39 19.46 1.93
C VAL A 97 5.57 18.33 2.96
N VAL A 98 4.67 18.29 3.94
CA VAL A 98 4.65 17.26 4.97
C VAL A 98 3.27 16.65 4.97
N ASN A 99 3.20 15.45 4.42
CA ASN A 99 1.91 14.75 4.25
C ASN A 99 1.66 13.83 5.43
N VAL A 100 0.87 14.32 6.36
CA VAL A 100 0.65 13.60 7.62
C VAL A 100 -0.75 12.98 7.66
N ALA A 101 -1.69 13.56 6.92
CA ALA A 101 -3.10 13.14 7.00
C ALA A 101 -3.26 11.62 6.89
N GLY A 102 -4.07 11.09 7.78
CA GLY A 102 -4.35 9.68 7.82
C GLY A 102 -5.33 9.32 8.93
N ILE A 103 -5.94 8.16 8.80
CA ILE A 103 -6.94 7.65 9.73
C ILE A 103 -6.61 6.20 10.10
N PHE A 104 -7.09 5.77 11.26
CA PHE A 104 -7.20 4.33 11.53
C PHE A 104 -8.69 3.95 11.59
N ASN A 105 -9.08 3.03 10.69
CA ASN A 105 -10.43 2.45 10.67
C ASN A 105 -10.48 1.26 9.71
N ASP A 106 -10.00 0.13 10.19
CA ASP A 106 -9.86 -1.06 9.36
C ASP A 106 -11.21 -1.67 8.92
N LYS A 107 -12.28 -1.30 9.63
CA LYS A 107 -13.66 -1.67 9.23
C LYS A 107 -14.18 -0.95 7.98
N ASP A 108 -13.52 0.13 7.59
CA ASP A 108 -13.80 0.81 6.36
C ASP A 108 -12.57 0.77 5.43
N VAL A 109 -12.49 -0.30 4.66
CA VAL A 109 -11.34 -0.59 3.82
C VAL A 109 -11.14 0.50 2.79
N GLN A 110 -12.19 0.79 2.04
CA GLN A 110 -12.10 1.77 0.96
C GLN A 110 -11.65 3.15 1.42
N ARG A 111 -12.24 3.59 2.49
CA ARG A 111 -11.85 4.87 3.11
C ARG A 111 -10.37 4.87 3.56
N THR A 112 -9.96 3.81 4.24
CA THR A 112 -8.58 3.68 4.67
C THR A 112 -7.63 3.79 3.48
N LEU A 113 -7.93 3.04 2.42
CA LEU A 113 -7.07 3.00 1.26
C LEU A 113 -6.99 4.36 0.59
N LEU A 114 -8.13 4.96 0.34
CA LEU A 114 -8.21 6.19 -0.40
C LEU A 114 -7.63 7.35 0.41
N VAL A 115 -7.85 7.36 1.71
CA VAL A 115 -7.33 8.46 2.52
C VAL A 115 -5.84 8.28 2.77
N ASN A 116 -5.49 7.19 3.45
CA ASN A 116 -4.09 6.98 3.89
C ASN A 116 -3.10 6.83 2.75
N LEU A 117 -3.49 6.10 1.71
CA LEU A 117 -2.59 5.90 0.60
C LEU A 117 -2.88 6.87 -0.53
N GLY A 118 -4.15 7.02 -0.87
CA GLY A 118 -4.51 7.95 -1.96
C GLY A 118 -4.24 9.41 -1.63
N GLY A 119 -4.47 9.77 -0.39
CA GLY A 119 -4.18 11.12 0.09
C GLY A 119 -2.73 11.50 -0.03
N ILE A 120 -1.85 10.60 0.36
CA ILE A 120 -0.40 10.82 0.24
C ILE A 120 -0.02 11.04 -1.22
N ILE A 121 -0.56 10.19 -2.07
CA ILE A 121 -0.28 10.24 -3.51
C ILE A 121 -0.85 11.49 -4.16
N ASN A 122 -2.10 11.77 -3.89
CA ASN A 122 -2.77 12.96 -4.42
C ASN A 122 -2.00 14.21 -4.05
N SER A 123 -1.64 14.31 -2.77
CA SER A 123 -0.88 15.47 -2.29
C SER A 123 0.49 15.54 -2.87
N THR A 124 1.21 14.44 -2.82
CA THR A 124 2.55 14.42 -3.38
C THR A 124 2.58 14.81 -4.86
N LEU A 125 1.74 14.16 -5.66
CA LEU A 125 1.67 14.45 -7.13
C LEU A 125 1.16 15.84 -7.47
N SER A 126 0.21 16.35 -6.69
CA SER A 126 -0.31 17.69 -6.90
C SER A 126 0.70 18.78 -6.59
N ALA A 127 1.65 18.51 -5.70
CA ALA A 127 2.63 19.50 -5.32
C ALA A 127 3.75 19.66 -6.35
N LEU A 128 4.08 18.57 -7.05
CA LEU A 128 5.30 18.53 -7.91
C LEU A 128 5.45 19.65 -8.91
N PRO A 129 4.35 19.99 -9.65
CA PRO A 129 4.46 21.06 -10.63
C PRO A 129 4.84 22.40 -10.07
N TYR A 130 4.50 22.66 -8.81
CA TYR A 130 4.79 23.93 -8.13
C TYR A 130 6.14 23.96 -7.41
N MET A 131 6.79 22.81 -7.33
CA MET A 131 8.09 22.72 -6.66
C MET A 131 9.24 22.54 -7.64
N GLY A 132 8.98 21.84 -8.75
CA GLY A 132 10.04 21.38 -9.66
C GLY A 132 10.80 22.49 -10.34
N LYS A 133 12.12 22.31 -10.44
CA LYS A 133 13.01 23.21 -11.18
C LYS A 133 12.67 23.24 -12.67
N ASP A 134 12.23 22.11 -13.22
CA ASP A 134 11.81 22.02 -14.63
C ASP A 134 10.51 22.74 -14.97
N ASN A 135 9.91 23.37 -13.97
CA ASN A 135 8.64 24.04 -14.16
C ASN A 135 8.61 25.37 -13.41
N GLY A 136 9.79 25.98 -13.23
CA GLY A 136 9.92 27.31 -12.62
C GLY A 136 10.06 27.36 -11.10
N GLY A 137 9.86 26.22 -10.43
CA GLY A 137 10.04 26.10 -9.00
C GLY A 137 11.52 26.11 -8.63
N LYS A 138 11.79 26.18 -7.32
CA LYS A 138 13.17 26.18 -6.81
C LYS A 138 13.59 24.84 -6.27
N GLY A 139 12.77 23.83 -6.47
CA GLY A 139 13.01 22.51 -5.89
C GLY A 139 12.50 22.51 -4.46
N GLY A 140 12.76 21.43 -3.73
CA GLY A 140 12.28 21.29 -2.38
C GLY A 140 12.28 19.89 -1.81
N ILE A 141 11.40 19.67 -0.85
CA ILE A 141 11.35 18.40 -0.13
C ILE A 141 9.92 17.97 0.22
N VAL A 142 9.64 16.69 0.05
CA VAL A 142 8.37 16.09 0.47
C VAL A 142 8.67 15.03 1.52
N VAL A 143 7.97 15.11 2.64
CA VAL A 143 8.08 14.12 3.70
C VAL A 143 6.75 13.40 3.85
N ASN A 144 6.77 12.09 3.67
CA ASN A 144 5.55 11.30 3.72
C ASN A 144 5.45 10.47 5.00
N MET A 145 4.27 10.54 5.62
CA MET A 145 4.01 9.88 6.86
C MET A 145 3.59 8.42 6.65
N SER A 146 4.56 7.54 6.95
CA SER A 146 4.31 6.10 7.05
C SER A 146 4.24 5.75 8.53
N SER A 147 4.53 4.51 8.86
CA SER A 147 4.56 4.01 10.24
C SER A 147 5.57 2.87 10.33
N VAL A 148 6.05 2.59 11.54
CA VAL A 148 6.85 1.37 11.78
C VAL A 148 6.13 0.09 11.30
N VAL A 149 4.82 0.05 11.45
CA VAL A 149 4.05 -1.13 11.03
C VAL A 149 4.09 -1.37 9.52
N GLY A 150 4.38 -0.30 8.80
CA GLY A 150 4.64 -0.37 7.35
C GLY A 150 5.95 -1.07 6.99
N LEU A 151 6.89 -1.01 7.90
CA LEU A 151 8.18 -1.73 7.83
C LEU A 151 8.10 -3.16 8.33
N ASP A 152 7.54 -3.34 9.53
CA ASP A 152 7.31 -4.66 10.13
C ASP A 152 5.82 -4.86 10.47
N PRO A 153 5.13 -5.75 9.76
CA PRO A 153 3.67 -5.87 9.87
C PRO A 153 3.19 -6.13 11.29
N MET A 154 2.07 -5.56 11.65
CA MET A 154 1.50 -5.69 12.97
C MET A 154 0.13 -6.31 12.73
N PHE A 155 0.01 -7.57 13.11
CA PHE A 155 -1.10 -8.47 12.72
C PHE A 155 -2.53 -8.00 13.07
N ILE A 156 -2.68 -7.21 14.12
CA ILE A 156 -4.01 -6.67 14.51
C ILE A 156 -4.57 -5.70 13.48
N ILE A 157 -3.69 -5.01 12.75
CA ILE A 157 -4.08 -3.90 11.88
C ILE A 157 -3.54 -4.10 10.46
N PRO A 158 -4.10 -5.09 9.74
CA PRO A 158 -3.62 -5.40 8.40
C PRO A 158 -3.95 -4.38 7.32
N VAL A 159 -5.09 -3.73 7.39
CA VAL A 159 -5.46 -2.80 6.29
C VAL A 159 -4.69 -1.49 6.41
N TYR A 160 -4.76 -0.90 7.60
CA TYR A 160 -3.92 0.24 7.95
C TYR A 160 -2.45 0.01 7.54
N GLY A 161 -1.91 -1.12 7.94
CA GLY A 161 -0.51 -1.45 7.72
C GLY A 161 -0.13 -1.53 6.26
N ALA A 162 -1.02 -2.14 5.50
CA ALA A 162 -0.88 -2.22 4.04
C ALA A 162 -0.69 -0.83 3.45
N THR A 163 -1.51 0.13 3.88
CA THR A 163 -1.41 1.50 3.35
C THR A 163 -0.10 2.14 3.79
N LYS A 164 0.36 1.80 4.99
CA LYS A 164 1.65 2.33 5.47
C LYS A 164 2.84 1.78 4.70
N ALA A 165 2.76 0.51 4.35
CA ALA A 165 3.81 -0.10 3.52
C ALA A 165 3.84 0.51 2.13
N GLY A 166 2.65 0.75 1.59
CA GLY A 166 2.53 1.36 0.29
C GLY A 166 3.17 2.72 0.18
N ILE A 167 3.00 3.52 1.22
CA ILE A 167 3.53 4.86 1.27
C ILE A 167 5.06 4.84 1.14
N ILE A 168 5.70 3.90 1.80
CA ILE A 168 7.14 3.73 1.74
C ILE A 168 7.60 3.46 0.28
N ASN A 169 7.01 2.44 -0.30
CA ASN A 169 7.34 2.06 -1.69
C ASN A 169 7.16 3.22 -2.67
N PHE A 170 6.00 3.85 -2.58
CA PHE A 170 5.66 5.05 -3.38
C PHE A 170 6.72 6.15 -3.27
N THR A 171 7.05 6.48 -2.03
CA THR A 171 7.94 7.58 -1.76
C THR A 171 9.41 7.28 -2.20
N ARG A 172 9.88 6.08 -1.93
CA ARG A 172 11.23 5.69 -2.35
C ARG A 172 11.42 5.72 -3.87
N CYS A 173 10.39 5.37 -4.61
CA CYS A 173 10.38 5.50 -6.07
C CYS A 173 10.67 6.91 -6.57
N LEU A 174 9.96 7.88 -6.01
CA LEU A 174 10.06 9.29 -6.45
C LEU A 174 11.41 9.92 -6.18
N ALA A 175 12.17 9.29 -5.29
CA ALA A 175 13.52 9.73 -4.93
C ALA A 175 14.59 9.26 -5.89
N ASN A 176 14.21 8.62 -7.00
CA ASN A 176 15.20 8.15 -7.99
C ASN A 176 15.95 9.32 -8.60
N GLU A 177 17.25 9.13 -8.79
CA GLU A 177 18.16 10.17 -9.35
C GLU A 177 17.61 10.76 -10.66
N LYS A 178 16.96 9.90 -11.44
CA LYS A 178 16.33 10.28 -12.69
C LYS A 178 15.42 11.47 -12.50
N TYR A 179 14.56 11.41 -11.49
CA TYR A 179 13.63 12.48 -11.17
C TYR A 179 14.34 13.68 -10.54
N TYR A 180 15.27 13.42 -9.67
CA TYR A 180 15.90 14.49 -8.86
C TYR A 180 16.64 15.52 -9.70
N GLN A 181 17.42 15.01 -10.65
CA GLN A 181 18.19 15.85 -11.60
C GLN A 181 17.32 16.85 -12.34
N ARG A 182 16.12 16.41 -12.71
CA ARG A 182 15.17 17.23 -13.44
C ARG A 182 14.41 18.22 -12.52
N SER A 183 13.93 17.74 -11.39
CA SER A 183 13.01 18.51 -10.53
C SER A 183 13.71 19.23 -9.38
N GLY A 184 14.77 18.63 -8.88
CA GLY A 184 15.39 19.09 -7.63
C GLY A 184 14.53 18.91 -6.38
N ILE A 185 13.55 18.01 -6.45
CA ILE A 185 12.68 17.71 -5.31
C ILE A 185 13.21 16.43 -4.64
N LYS A 186 13.27 16.47 -3.30
CA LYS A 186 13.68 15.30 -2.50
C LYS A 186 12.49 14.64 -1.85
N PHE A 187 12.61 13.34 -1.64
CA PHE A 187 11.51 12.54 -1.09
C PHE A 187 12.00 11.70 0.06
N VAL A 188 11.33 11.88 1.18
CA VAL A 188 11.70 11.27 2.44
C VAL A 188 10.48 10.64 3.07
N THR A 189 10.66 9.50 3.72
CA THR A 189 9.59 8.83 4.50
C THR A 189 9.95 8.77 5.98
N VAL A 190 8.98 9.01 6.86
CA VAL A 190 9.17 8.81 8.31
C VAL A 190 8.23 7.74 8.84
N CYS A 191 8.75 6.89 9.71
CA CYS A 191 8.01 5.75 10.23
C CYS A 191 7.98 5.75 11.74
N PRO A 192 7.01 6.48 12.36
CA PRO A 192 6.94 6.53 13.80
C PRO A 192 6.30 5.33 14.44
N GLY A 193 6.73 5.06 15.67
CA GLY A 193 6.04 4.10 16.53
C GLY A 193 4.83 4.73 17.19
N ALA A 194 4.18 3.94 18.02
CA ALA A 194 3.01 4.36 18.80
C ALA A 194 3.21 5.74 19.40
N THR A 195 2.17 6.53 19.32
CA THR A 195 2.17 7.95 19.71
C THR A 195 0.76 8.26 20.19
N MET A 196 0.68 8.82 21.38
CA MET A 196 -0.63 9.16 21.98
C MET A 196 -1.36 10.32 21.21
N THR A 197 -2.36 9.97 20.41
CA THR A 197 -3.14 10.92 19.60
C THR A 197 -4.56 10.45 19.49
N ASP A 198 -5.40 11.31 18.93
CA ASP A 198 -6.81 10.97 18.69
C ASP A 198 -7.01 9.79 17.71
N MET A 199 -5.97 9.38 16.99
CA MET A 199 -6.08 8.20 16.09
C MET A 199 -6.50 6.93 16.84
N PHE A 200 -6.12 6.84 18.11
CA PHE A 200 -6.41 5.69 18.96
C PHE A 200 -7.69 5.79 19.76
N THR A 201 -8.49 6.82 19.53
CA THR A 201 -9.75 6.95 20.20
C THR A 201 -10.68 5.89 19.62
N ASN A 202 -11.28 5.10 20.53
CA ASN A 202 -12.19 4.00 20.19
C ASN A 202 -11.49 2.96 19.33
N PHE A 203 -10.21 2.73 19.60
CA PHE A 203 -9.36 1.87 18.75
C PHE A 203 -9.94 0.47 18.54
N THR A 204 -10.19 -0.20 19.66
CA THR A 204 -10.64 -1.57 19.69
C THR A 204 -11.95 -1.84 18.96
N GLU A 205 -12.85 -0.87 18.93
CA GLU A 205 -14.07 -0.99 18.12
C GLU A 205 -13.85 -0.90 16.61
N LYS A 206 -12.68 -0.45 16.19
CA LYS A 206 -12.39 -0.22 14.78
C LYS A 206 -11.50 -1.31 14.15
N ILE A 207 -11.16 -2.32 14.92
CA ILE A 207 -10.33 -3.41 14.38
C ILE A 207 -11.19 -4.42 13.66
N ILE A 208 -10.61 -5.07 12.68
CA ILE A 208 -11.32 -6.02 11.85
C ILE A 208 -11.79 -7.23 12.64
N PHE A 209 -10.86 -7.87 13.33
CA PHE A 209 -11.12 -9.13 13.99
C PHE A 209 -11.37 -8.89 15.48
N PRO A 210 -12.68 -8.94 15.91
CA PRO A 210 -13.07 -8.70 17.30
C PRO A 210 -12.36 -9.58 18.32
N GLU A 211 -12.10 -10.83 17.95
CA GLU A 211 -11.36 -11.76 18.81
C GLU A 211 -9.87 -11.39 19.06
N THR A 212 -9.39 -10.32 18.44
CA THR A 212 -8.04 -9.77 18.73
C THR A 212 -8.11 -8.55 19.64
N SER A 213 -9.29 -8.21 20.14
CA SER A 213 -9.43 -7.09 21.09
C SER A 213 -8.58 -7.26 22.37
N ASP A 214 -8.44 -8.50 22.81
CA ASP A 214 -7.51 -8.87 23.92
C ASP A 214 -6.02 -8.76 23.60
N GLU A 215 -5.66 -8.44 22.35
CA GLU A 215 -4.27 -8.21 21.90
C GLU A 215 -3.92 -6.72 21.67
N THR A 216 -4.94 -5.85 21.70
CA THR A 216 -4.72 -4.41 21.40
C THR A 216 -3.79 -3.70 22.39
N TYR A 217 -3.70 -4.24 23.61
CA TYR A 217 -2.77 -3.74 24.62
C TYR A 217 -1.34 -3.61 24.07
N ARG A 218 -0.98 -4.51 23.18
CA ARG A 218 0.34 -4.51 22.54
C ARG A 218 0.70 -3.15 21.92
N ILE A 219 -0.32 -2.50 21.38
CA ILE A 219 -0.18 -1.12 20.86
C ILE A 219 -0.45 -0.09 21.94
N LEU A 220 -1.59 -0.25 22.60
CA LEU A 220 -2.13 0.79 23.46
C LEU A 220 -1.29 1.09 24.72
N ASP A 221 -0.49 0.13 25.14
CA ASP A 221 0.44 0.31 26.28
C ASP A 221 1.71 1.06 25.93
N ARG A 222 1.98 1.24 24.64
CA ARG A 222 3.20 1.96 24.20
C ARG A 222 2.97 3.46 23.86
N LEU A 223 1.72 3.91 24.05
CA LEU A 223 1.30 5.25 23.64
C LEU A 223 2.02 6.36 24.39
N ASN A 224 2.47 6.04 25.60
CA ASN A 224 3.13 7.01 26.46
C ASN A 224 4.63 7.20 26.24
N LYS A 225 5.25 6.46 25.34
CA LYS A 225 6.71 6.60 25.14
C LYS A 225 7.14 7.86 24.37
N GLN A 226 6.20 8.46 23.62
CA GLN A 226 6.46 9.70 22.88
C GLN A 226 5.15 10.40 22.55
N SER A 227 5.21 11.73 22.46
CA SER A 227 4.04 12.56 22.18
C SER A 227 4.01 13.05 20.75
N ALA A 228 2.85 13.60 20.35
CA ALA A 228 2.71 14.25 19.04
C ALA A 228 3.74 15.35 18.84
N ALA A 229 3.96 16.14 19.87
CA ALA A 229 5.02 17.16 19.82
C ALA A 229 6.42 16.57 19.65
N ASP A 230 6.70 15.47 20.33
CA ASP A 230 8.02 14.79 20.19
C ASP A 230 8.25 14.29 18.78
N VAL A 231 7.24 13.65 18.23
CA VAL A 231 7.34 13.14 16.86
C VAL A 231 7.59 14.31 15.90
N SER A 232 6.88 15.40 16.11
CA SER A 232 7.00 16.58 15.26
C SER A 232 8.41 17.17 15.26
N ARG A 233 9.04 17.11 16.42
CA ARG A 233 10.43 17.63 16.57
C ARG A 233 11.39 16.79 15.77
N CYS A 234 11.21 15.49 15.87
CA CYS A 234 11.93 14.55 15.02
C CYS A 234 11.72 14.79 13.50
N ILE A 235 10.51 15.17 13.13
CA ILE A 235 10.19 15.47 11.72
C ILE A 235 10.95 16.71 11.23
N LEU A 236 10.92 17.79 12.00
CA LEU A 236 11.73 19.00 11.69
C LEU A 236 13.22 18.65 11.59
N ASN A 237 13.67 17.75 12.45
CA ASN A 237 15.03 17.22 12.43
C ASN A 237 15.33 16.49 11.11
N VAL A 238 14.35 15.72 10.65
CA VAL A 238 14.43 15.04 9.34
C VAL A 238 14.55 16.03 8.17
N LEU A 239 13.79 17.11 8.25
CA LEU A 239 13.82 18.18 7.24
C LEU A 239 15.19 18.86 7.12
N GLU A 240 15.80 19.13 8.27
CA GLU A 240 17.14 19.72 8.32
C GLU A 240 18.17 18.81 7.66
N LYS A 241 18.04 17.49 7.85
CA LYS A 241 18.95 16.51 7.21
C LYS A 241 18.82 16.47 5.69
N ASP A 242 17.60 16.67 5.21
CA ASP A 242 17.37 16.91 3.80
C ASP A 242 18.07 15.87 2.89
N LYS A 243 17.93 14.59 3.22
CA LYS A 243 18.61 13.54 2.48
C LYS A 243 17.61 12.77 1.62
N ASN A 244 17.81 12.85 0.30
CA ASN A 244 16.89 12.26 -0.68
C ASN A 244 16.86 10.76 -0.55
N GLY A 245 15.65 10.20 -0.57
CA GLY A 245 15.48 8.74 -0.54
C GLY A 245 15.55 8.09 0.83
N ALA A 246 15.77 8.89 1.86
CA ALA A 246 15.97 8.40 3.21
C ALA A 246 14.65 7.93 3.82
N VAL A 247 14.77 6.93 4.70
CA VAL A 247 13.65 6.42 5.48
C VAL A 247 14.03 6.47 6.96
N TYR A 248 13.22 7.11 7.79
CA TYR A 248 13.55 7.28 9.24
C TYR A 248 12.52 6.63 10.15
N VAL A 249 13.00 5.99 11.20
CA VAL A 249 12.12 5.46 12.25
C VAL A 249 12.10 6.44 13.41
N ILE A 250 10.92 6.73 13.94
CA ILE A 250 10.80 7.67 15.05
C ILE A 250 10.20 6.95 16.25
N GLU A 251 11.05 6.68 17.24
CA GLU A 251 10.70 5.89 18.46
C GLU A 251 11.36 6.49 19.68
N GLY A 252 10.61 6.54 20.78
CA GLY A 252 11.11 7.12 22.04
C GLY A 252 11.73 8.48 21.85
N LYS A 253 11.06 9.32 21.07
CA LYS A 253 11.44 10.73 20.85
C LYS A 253 12.70 10.91 20.01
N ARG A 254 13.18 9.84 19.41
CA ARG A 254 14.42 9.87 18.64
C ARG A 254 14.25 9.38 17.18
N VAL A 255 15.12 9.90 16.31
CA VAL A 255 15.13 9.63 14.90
C VAL A 255 16.22 8.65 14.54
N TYR A 256 15.83 7.58 13.87
CA TYR A 256 16.74 6.52 13.46
C TYR A 256 16.74 6.34 11.94
N PRO A 257 17.82 6.72 11.26
CA PRO A 257 17.97 6.51 9.83
C PRO A 257 18.07 5.04 9.47
N LEU A 258 17.27 4.59 8.54
CA LEU A 258 17.33 3.20 8.12
C LEU A 258 18.23 3.06 6.93
N GLU A 259 19.04 2.02 6.95
CA GLU A 259 19.87 1.62 5.83
C GLU A 259 19.14 0.47 5.21
N ILE A 260 18.40 0.75 4.14
CA ILE A 260 17.57 -0.30 3.54
C ILE A 260 18.35 -1.10 2.49
N LYS A 261 18.43 -2.41 2.70
CA LYS A 261 19.01 -3.35 1.72
C LYS A 261 17.89 -4.11 0.96
N PRO A 262 18.06 -4.32 -0.35
CA PRO A 262 17.01 -5.00 -1.11
C PRO A 262 16.58 -6.36 -0.53
N GLN A 263 15.32 -6.70 -0.73
CA GLN A 263 14.73 -7.95 -0.23
C GLN A 263 15.05 -9.16 -1.12
N TRP A 264 14.92 -8.97 -2.43
CA TRP A 264 15.25 -9.94 -3.47
C TRP A 264 16.71 -9.86 -3.90
N THR A 265 17.44 -10.90 -3.54
CA THR A 265 18.85 -11.09 -3.95
C THR A 265 19.04 -12.50 -4.54
N GLY A 266 20.03 -12.66 -5.40
CA GLY A 266 20.32 -13.98 -6.00
C GLY A 266 20.75 -15.12 -5.05
N LYS A 267 21.04 -14.78 -3.78
CA LYS A 267 21.49 -15.77 -2.76
C LYS A 267 20.51 -16.91 -2.46
N GLU A 268 19.21 -16.64 -2.60
CA GLU A 268 18.15 -17.66 -2.43
C GLU A 268 18.29 -18.78 -3.43
N GLN A 269 17.98 -20.00 -2.98
CA GLN A 269 17.96 -21.22 -3.82
C GLN A 269 16.54 -21.47 -4.33
N ALA A 270 16.45 -21.92 -5.58
CA ALA A 270 15.17 -22.26 -6.20
C ALA A 270 14.51 -23.48 -5.50
N LEU A 271 13.19 -23.41 -5.29
CA LEU A 271 12.44 -24.38 -4.49
C LEU A 271 10.96 -24.28 -4.77
N SER B 12 -3.18 -34.93 -5.20
CA SER B 12 -2.41 -33.63 -5.09
C SER B 12 -3.35 -32.44 -4.74
N PHE B 13 -4.08 -31.91 -5.74
CA PHE B 13 -5.18 -30.95 -5.50
C PHE B 13 -6.52 -31.62 -5.80
N ARG B 14 -6.52 -32.94 -5.91
CA ARG B 14 -7.76 -33.67 -6.12
C ARG B 14 -8.69 -33.63 -4.91
N GLY B 15 -9.97 -33.39 -5.20
CA GLY B 15 -10.98 -33.23 -4.18
C GLY B 15 -11.01 -31.87 -3.51
N LYS B 16 -10.26 -30.90 -4.03
CA LYS B 16 -10.14 -29.58 -3.37
C LYS B 16 -11.02 -28.60 -4.10
N ASN B 17 -11.57 -27.66 -3.35
CA ASN B 17 -12.36 -26.57 -3.95
C ASN B 17 -11.57 -25.28 -3.90
N ALA B 18 -11.54 -24.61 -5.05
CA ALA B 18 -10.68 -23.44 -5.24
C ALA B 18 -11.42 -22.28 -5.86
N VAL B 19 -11.03 -21.09 -5.41
CA VAL B 19 -11.47 -19.83 -6.02
C VAL B 19 -10.26 -19.07 -6.54
N VAL B 20 -10.43 -18.44 -7.70
CA VAL B 20 -9.36 -17.69 -8.37
C VAL B 20 -9.89 -16.38 -8.90
N THR B 21 -9.41 -15.26 -8.33
CA THR B 21 -9.78 -13.94 -8.92
C THR B 21 -8.81 -13.68 -10.06
N GLY B 22 -9.30 -12.98 -11.07
CA GLY B 22 -8.52 -12.73 -12.27
C GLY B 22 -8.31 -13.97 -13.14
N GLY B 23 -9.19 -14.95 -12.96
CA GLY B 23 -9.01 -16.29 -13.53
C GLY B 23 -9.49 -16.50 -14.96
N ALA B 24 -9.92 -15.42 -15.61
CA ALA B 24 -10.35 -15.42 -17.01
C ALA B 24 -9.24 -15.13 -18.00
N GLY B 25 -8.09 -14.72 -17.49
CA GLY B 25 -6.98 -14.36 -18.37
C GLY B 25 -5.64 -14.44 -17.72
N GLY B 26 -4.63 -14.31 -18.56
CA GLY B 26 -3.25 -14.32 -18.14
C GLY B 26 -2.91 -15.37 -17.12
N ILE B 27 -2.30 -14.93 -16.04
CA ILE B 27 -1.75 -15.82 -15.02
C ILE B 27 -2.83 -16.60 -14.35
N GLY B 28 -3.86 -15.87 -13.93
CA GLY B 28 -5.04 -16.46 -13.31
C GLY B 28 -5.74 -17.54 -14.13
N LEU B 29 -5.85 -17.32 -15.43
CA LEU B 29 -6.38 -18.32 -16.36
C LEU B 29 -5.56 -19.60 -16.28
N GLN B 30 -4.23 -19.47 -16.33
CA GLN B 30 -3.32 -20.61 -16.24
C GLN B 30 -3.39 -21.30 -14.89
N VAL B 31 -3.59 -20.53 -13.84
CA VAL B 31 -3.82 -21.12 -12.50
C VAL B 31 -5.09 -21.98 -12.47
N SER B 32 -6.18 -21.44 -13.01
CA SER B 32 -7.46 -22.15 -13.11
C SER B 32 -7.30 -23.45 -13.91
N LYS B 33 -6.73 -23.33 -15.11
CA LYS B 33 -6.44 -24.47 -15.99
C LYS B 33 -5.64 -25.56 -15.28
N GLN B 34 -4.55 -25.16 -14.69
CA GLN B 34 -3.60 -26.10 -14.08
C GLN B 34 -4.14 -26.77 -12.83
N LEU B 35 -4.86 -26.01 -12.02
CA LEU B 35 -5.61 -26.56 -10.89
C LEU B 35 -6.57 -27.71 -11.33
N LEU B 36 -7.30 -27.48 -12.39
CA LEU B 36 -8.20 -28.46 -12.94
C LEU B 36 -7.43 -29.67 -13.46
N ALA B 37 -6.36 -29.40 -14.21
CA ALA B 37 -5.44 -30.45 -14.70
C ALA B 37 -4.72 -31.21 -13.58
N ALA B 38 -4.61 -30.59 -12.41
CA ALA B 38 -4.05 -31.24 -11.22
C ALA B 38 -5.11 -31.98 -10.40
N GLY B 39 -6.32 -32.03 -10.95
CA GLY B 39 -7.44 -32.76 -10.37
C GLY B 39 -8.32 -32.08 -9.34
N ALA B 40 -8.33 -30.75 -9.31
CA ALA B 40 -9.18 -29.99 -8.38
C ALA B 40 -10.65 -30.28 -8.67
N ALA B 41 -11.39 -30.60 -7.61
CA ALA B 41 -12.82 -30.96 -7.71
C ALA B 41 -13.65 -29.85 -8.33
N LYS B 42 -13.49 -28.66 -7.77
CA LYS B 42 -14.30 -27.52 -8.17
C LYS B 42 -13.45 -26.27 -8.25
N VAL B 43 -13.67 -25.48 -9.28
CA VAL B 43 -12.94 -24.24 -9.48
C VAL B 43 -13.90 -23.12 -9.84
N ALA B 44 -13.94 -22.10 -8.98
CA ALA B 44 -14.71 -20.87 -9.25
C ALA B 44 -13.84 -19.69 -9.70
N ILE B 45 -14.25 -19.03 -10.75
CA ILE B 45 -13.50 -17.93 -11.34
C ILE B 45 -14.27 -16.64 -11.16
N ILE B 46 -13.58 -15.65 -10.57
CA ILE B 46 -14.13 -14.31 -10.38
C ILE B 46 -13.32 -13.35 -11.25
N ASP B 47 -13.98 -12.71 -12.21
CA ASP B 47 -13.31 -11.83 -13.16
C ASP B 47 -14.30 -10.85 -13.79
N LEU B 48 -13.80 -9.75 -14.30
CA LEU B 48 -14.62 -8.75 -15.02
C LEU B 48 -14.94 -9.17 -16.45
N GLN B 49 -13.98 -9.85 -17.09
CA GLN B 49 -14.09 -10.25 -18.50
C GLN B 49 -14.68 -11.61 -18.62
N ASP B 50 -15.40 -11.80 -19.72
CA ASP B 50 -16.25 -12.98 -19.89
C ASP B 50 -15.50 -14.20 -20.42
N ASN B 51 -14.66 -14.00 -21.42
CA ASN B 51 -13.94 -15.13 -22.05
C ASN B 51 -14.77 -16.43 -22.25
N LEU B 52 -16.03 -16.24 -22.62
CA LEU B 52 -16.99 -17.36 -22.68
C LEU B 52 -16.61 -18.55 -23.57
N GLU B 53 -16.08 -18.26 -24.76
CA GLU B 53 -15.74 -19.33 -25.70
C GLU B 53 -14.71 -20.18 -25.04
N GLU B 54 -13.78 -19.54 -24.34
CA GLU B 54 -12.68 -20.25 -23.64
C GLU B 54 -13.16 -21.20 -22.54
N PHE B 55 -14.15 -20.78 -21.76
CA PHE B 55 -14.65 -21.63 -20.65
C PHE B 55 -15.52 -22.84 -21.08
N VAL B 56 -16.19 -22.67 -22.20
CA VAL B 56 -16.94 -23.76 -22.78
C VAL B 56 -16.02 -24.98 -23.06
N LYS B 57 -14.91 -24.74 -23.74
CA LYS B 57 -13.95 -25.82 -24.04
C LYS B 57 -13.26 -26.34 -22.78
N LEU B 58 -13.09 -25.47 -21.79
CA LEU B 58 -12.48 -25.88 -20.52
C LEU B 58 -13.36 -26.84 -19.71
N ARG B 59 -14.65 -26.55 -19.66
CA ARG B 59 -15.65 -27.48 -19.07
C ARG B 59 -15.65 -28.85 -19.70
N ALA B 60 -15.60 -28.84 -21.03
CA ALA B 60 -15.53 -30.04 -21.87
C ALA B 60 -14.29 -30.89 -21.58
N ALA B 61 -13.15 -30.24 -21.37
CA ALA B 61 -11.89 -30.94 -21.05
C ALA B 61 -11.86 -31.51 -19.62
N HIS B 62 -12.81 -31.06 -18.79
CA HIS B 62 -12.91 -31.53 -17.41
C HIS B 62 -14.37 -31.82 -17.05
N PRO B 63 -14.96 -32.83 -17.73
CA PRO B 63 -16.38 -33.10 -17.59
C PRO B 63 -16.82 -33.64 -16.22
N THR B 64 -15.89 -34.15 -15.43
CA THR B 64 -16.17 -34.63 -14.07
C THR B 64 -15.78 -33.61 -12.99
N GLN B 65 -15.55 -32.35 -13.40
CA GLN B 65 -15.13 -31.28 -12.48
C GLN B 65 -15.99 -30.02 -12.68
N SER B 66 -16.37 -29.37 -11.59
CA SER B 66 -17.16 -28.11 -11.67
C SER B 66 -16.29 -26.92 -12.04
N VAL B 67 -16.79 -26.14 -12.97
CA VAL B 67 -16.16 -24.90 -13.40
C VAL B 67 -17.21 -23.82 -13.39
N MET B 68 -17.08 -22.91 -12.43
CA MET B 68 -18.06 -21.83 -12.26
C MET B 68 -17.42 -20.45 -12.50
N ILE B 69 -18.07 -19.63 -13.32
CA ILE B 69 -17.63 -18.28 -13.63
C ILE B 69 -18.66 -17.25 -13.18
N ILE B 70 -18.20 -16.28 -12.39
CA ILE B 70 -19.01 -15.16 -11.95
C ILE B 70 -18.34 -13.88 -12.39
N LYS B 71 -19.10 -13.06 -13.10
CA LYS B 71 -18.65 -11.73 -13.54
C LYS B 71 -18.83 -10.70 -12.40
N MET B 72 -17.71 -10.28 -11.83
CA MET B 72 -17.73 -9.38 -10.69
C MET B 72 -16.45 -8.58 -10.63
N ASP B 73 -16.59 -7.30 -10.29
CA ASP B 73 -15.46 -6.40 -10.05
C ASP B 73 -14.96 -6.68 -8.63
N VAL B 74 -13.70 -7.03 -8.48
CA VAL B 74 -13.13 -7.31 -7.14
C VAL B 74 -13.07 -6.07 -6.24
N ALA B 75 -13.11 -4.88 -6.84
CA ALA B 75 -13.20 -3.63 -6.08
C ALA B 75 -14.50 -3.49 -5.30
N ASN B 76 -15.58 -4.03 -5.86
CA ASN B 76 -16.89 -4.01 -5.23
C ASN B 76 -16.98 -4.93 -4.03
N LYS B 77 -16.95 -4.35 -2.84
CA LYS B 77 -16.93 -5.10 -1.59
C LYS B 77 -18.14 -6.01 -1.43
N LYS B 78 -19.33 -5.42 -1.58
CA LYS B 78 -20.62 -6.16 -1.39
C LYS B 78 -20.83 -7.19 -2.51
N GLY B 79 -20.47 -6.80 -3.72
CA GLY B 79 -20.44 -7.68 -4.88
C GLY B 79 -19.64 -8.95 -4.63
N VAL B 80 -18.40 -8.76 -4.19
CA VAL B 80 -17.50 -9.87 -3.84
C VAL B 80 -18.14 -10.73 -2.74
N GLU B 81 -18.65 -10.08 -1.71
CA GLU B 81 -19.35 -10.76 -0.58
C GLU B 81 -20.48 -11.66 -1.07
N ALA B 82 -21.27 -11.10 -1.97
CA ALA B 82 -22.40 -11.77 -2.60
C ALA B 82 -21.92 -12.95 -3.45
N THR B 83 -20.92 -12.68 -4.30
CA THR B 83 -20.25 -13.71 -5.11
C THR B 83 -19.76 -14.90 -4.29
N TYR B 84 -19.11 -14.61 -3.18
CA TYR B 84 -18.63 -15.70 -2.32
C TYR B 84 -19.77 -16.51 -1.72
N GLU B 85 -20.87 -15.83 -1.41
CA GLU B 85 -22.09 -16.47 -0.90
C GLU B 85 -22.60 -17.51 -1.94
N GLU B 86 -22.70 -17.07 -3.19
CA GLU B 86 -23.14 -17.92 -4.31
C GLU B 86 -22.27 -19.17 -4.50
N ILE B 87 -20.96 -18.96 -4.38
CA ILE B 87 -19.95 -20.03 -4.47
C ILE B 87 -20.13 -21.04 -3.35
N ALA B 88 -20.31 -20.54 -2.14
CA ALA B 88 -20.45 -21.40 -0.97
C ALA B 88 -21.73 -22.23 -1.03
N LYS B 89 -22.79 -21.68 -1.62
CA LYS B 89 -24.04 -22.46 -1.81
C LYS B 89 -23.76 -23.68 -2.67
N THR B 90 -23.06 -23.47 -3.78
CA THR B 90 -22.72 -24.55 -4.72
C THR B 90 -21.62 -25.48 -4.20
N PHE B 91 -20.53 -24.89 -3.80
CA PHE B 91 -19.35 -25.63 -3.36
C PHE B 91 -19.52 -26.23 -2.00
N GLY B 92 -20.09 -25.47 -1.09
CA GLY B 92 -20.33 -25.97 0.27
C GLY B 92 -19.06 -25.95 1.11
N ASN B 93 -17.95 -25.61 0.50
CA ASN B 93 -16.68 -25.52 1.21
C ASN B 93 -15.60 -24.91 0.30
N ILE B 94 -14.59 -24.29 0.92
CA ILE B 94 -13.51 -23.66 0.16
C ILE B 94 -12.18 -23.96 0.81
N ASP B 95 -11.27 -24.53 0.04
CA ASP B 95 -9.96 -24.97 0.56
C ASP B 95 -8.80 -24.11 0.10
N ILE B 96 -8.98 -23.49 -1.06
CA ILE B 96 -7.94 -22.76 -1.77
C ILE B 96 -8.49 -21.50 -2.41
N VAL B 97 -7.81 -20.39 -2.15
CA VAL B 97 -8.09 -19.13 -2.81
C VAL B 97 -6.83 -18.57 -3.38
N VAL B 98 -6.88 -18.20 -4.66
CA VAL B 98 -5.73 -17.56 -5.34
C VAL B 98 -6.17 -16.22 -5.92
N ASN B 99 -5.73 -15.15 -5.26
CA ASN B 99 -6.13 -13.80 -5.64
C ASN B 99 -5.11 -13.20 -6.58
N VAL B 100 -5.44 -13.22 -7.86
CA VAL B 100 -4.51 -12.74 -8.89
C VAL B 100 -4.95 -11.42 -9.51
N ALA B 101 -6.24 -11.12 -9.46
CA ALA B 101 -6.78 -9.96 -10.17
C ALA B 101 -5.99 -8.68 -9.88
N GLY B 102 -5.75 -7.92 -10.91
CA GLY B 102 -4.97 -6.71 -10.82
C GLY B 102 -4.80 -6.05 -12.18
N ILE B 103 -4.49 -4.76 -12.15
CA ILE B 103 -4.29 -3.95 -13.35
C ILE B 103 -3.02 -3.13 -13.20
N PHE B 104 -2.47 -2.69 -14.32
CA PHE B 104 -1.52 -1.58 -14.30
C PHE B 104 -2.14 -0.38 -15.03
N ASN B 105 -2.23 0.71 -14.31
CA ASN B 105 -2.65 2.00 -14.82
C ASN B 105 -2.39 3.11 -13.78
N ASP B 106 -1.15 3.58 -13.75
CA ASP B 106 -0.71 4.57 -12.75
C ASP B 106 -1.36 5.96 -12.94
N LYS B 107 -1.88 6.22 -14.14
CA LYS B 107 -2.69 7.44 -14.40
C LYS B 107 -4.07 7.43 -13.74
N ASP B 108 -4.56 6.28 -13.34
CA ASP B 108 -5.80 6.19 -12.59
C ASP B 108 -5.51 5.63 -11.17
N VAL B 109 -5.14 6.52 -10.26
CA VAL B 109 -4.73 6.14 -8.92
C VAL B 109 -5.83 5.41 -8.18
N GLN B 110 -7.01 5.99 -8.16
CA GLN B 110 -8.12 5.43 -7.39
C GLN B 110 -8.49 4.04 -7.81
N ARG B 111 -8.56 3.85 -9.11
CA ARG B 111 -8.86 2.54 -9.66
C ARG B 111 -7.76 1.53 -9.30
N THR B 112 -6.50 1.94 -9.48
CA THR B 112 -5.36 1.09 -9.11
C THR B 112 -5.46 0.63 -7.66
N LEU B 113 -5.68 1.58 -6.76
CA LEU B 113 -5.73 1.28 -5.34
C LEU B 113 -6.88 0.36 -5.02
N LEU B 114 -8.07 0.69 -5.52
CA LEU B 114 -9.26 -0.09 -5.19
C LEU B 114 -9.26 -1.49 -5.79
N VAL B 115 -8.72 -1.62 -7.00
CA VAL B 115 -8.64 -2.94 -7.63
C VAL B 115 -7.51 -3.75 -7.03
N ASN B 116 -6.28 -3.27 -7.19
CA ASN B 116 -5.08 -4.07 -6.82
C ASN B 116 -4.96 -4.36 -5.33
N LEU B 117 -5.28 -3.37 -4.51
CA LEU B 117 -5.17 -3.55 -3.08
C LEU B 117 -6.52 -3.88 -2.43
N GLY B 118 -7.54 -3.12 -2.76
CA GLY B 118 -8.89 -3.41 -2.25
C GLY B 118 -9.42 -4.76 -2.71
N GLY B 119 -9.18 -5.11 -3.97
CA GLY B 119 -9.64 -6.40 -4.52
C GLY B 119 -9.08 -7.57 -3.74
N ILE B 120 -7.79 -7.53 -3.47
CA ILE B 120 -7.11 -8.61 -2.73
C ILE B 120 -7.74 -8.75 -1.35
N ILE B 121 -7.94 -7.62 -0.71
CA ILE B 121 -8.51 -7.55 0.63
C ILE B 121 -9.98 -7.99 0.66
N ASN B 122 -10.76 -7.41 -0.22
CA ASN B 122 -12.15 -7.79 -0.37
C ASN B 122 -12.30 -9.31 -0.54
N SER B 123 -11.52 -9.87 -1.45
CA SER B 123 -11.55 -11.32 -1.72
C SER B 123 -11.06 -12.13 -0.55
N THR B 124 -9.90 -11.78 -0.05
CA THR B 124 -9.39 -12.49 1.11
C THR B 124 -10.41 -12.50 2.28
N LEU B 125 -10.92 -11.32 2.65
CA LEU B 125 -11.85 -11.19 3.82
C LEU B 125 -13.20 -11.85 3.62
N SER B 126 -13.70 -11.79 2.40
CA SER B 126 -14.94 -12.46 2.06
C SER B 126 -14.85 -13.99 2.08
N ALA B 127 -13.67 -14.54 1.88
CA ALA B 127 -13.48 -16.01 1.86
C ALA B 127 -13.42 -16.63 3.26
N LEU B 128 -12.86 -15.88 4.21
CA LEU B 128 -12.53 -16.44 5.55
C LEU B 128 -13.65 -17.22 6.27
N PRO B 129 -14.90 -16.68 6.28
CA PRO B 129 -16.01 -17.38 6.97
C PRO B 129 -16.35 -18.76 6.40
N TYR B 130 -16.05 -18.97 5.12
CA TYR B 130 -16.28 -20.25 4.47
C TYR B 130 -15.09 -21.21 4.52
N MET B 131 -13.97 -20.73 5.04
CA MET B 131 -12.75 -21.56 5.15
C MET B 131 -12.39 -21.94 6.58
N GLY B 132 -12.66 -21.04 7.53
CA GLY B 132 -12.20 -21.19 8.92
C GLY B 132 -12.73 -22.41 9.66
N LYS B 133 -11.88 -23.00 10.49
CA LYS B 133 -12.25 -24.12 11.40
C LYS B 133 -13.32 -23.72 12.38
N ASP B 134 -13.24 -22.47 12.84
CA ASP B 134 -14.35 -21.82 13.52
C ASP B 134 -15.34 -21.51 12.40
N ASN B 135 -16.64 -21.53 12.67
CA ASN B 135 -17.67 -21.37 11.59
C ASN B 135 -17.84 -22.61 10.67
N GLY B 136 -17.31 -23.76 11.07
CA GLY B 136 -17.60 -25.04 10.41
C GLY B 136 -16.69 -25.52 9.28
N GLY B 137 -15.86 -24.63 8.75
CA GLY B 137 -14.93 -24.97 7.67
C GLY B 137 -13.83 -25.91 8.16
N LYS B 138 -13.00 -26.34 7.21
CA LYS B 138 -11.88 -27.24 7.52
C LYS B 138 -10.52 -26.57 7.45
N GLY B 139 -10.53 -25.25 7.31
CA GLY B 139 -9.30 -24.51 7.11
C GLY B 139 -8.91 -24.53 5.65
N GLY B 140 -7.73 -23.98 5.35
CA GLY B 140 -7.25 -23.86 3.97
C GLY B 140 -6.06 -22.94 3.76
N ILE B 141 -5.97 -22.43 2.54
CA ILE B 141 -4.85 -21.56 2.14
C ILE B 141 -5.26 -20.44 1.18
N VAL B 142 -4.72 -19.26 1.42
CA VAL B 142 -4.93 -18.10 0.54
C VAL B 142 -3.58 -17.66 0.01
N VAL B 143 -3.51 -17.52 -1.31
CA VAL B 143 -2.30 -17.02 -1.96
C VAL B 143 -2.62 -15.70 -2.60
N ASN B 144 -1.89 -14.68 -2.17
CA ASN B 144 -2.07 -13.32 -2.71
C ASN B 144 -0.97 -12.88 -3.67
N MET B 145 -1.41 -12.34 -4.79
CA MET B 145 -0.52 -11.90 -5.85
C MET B 145 0.05 -10.52 -5.60
N SER B 146 1.32 -10.50 -5.19
CA SER B 146 2.12 -9.28 -5.13
C SER B 146 3.05 -9.21 -6.35
N SER B 147 4.19 -8.54 -6.22
CA SER B 147 5.18 -8.42 -7.27
C SER B 147 6.53 -8.19 -6.63
N VAL B 148 7.60 -8.53 -7.37
CA VAL B 148 8.97 -8.15 -6.93
C VAL B 148 9.07 -6.65 -6.61
N VAL B 149 8.38 -5.82 -7.36
CA VAL B 149 8.42 -4.35 -7.16
C VAL B 149 7.79 -3.89 -5.85
N GLY B 150 6.93 -4.74 -5.29
CA GLY B 150 6.43 -4.59 -3.91
C GLY B 150 7.48 -4.81 -2.84
N LEU B 151 8.49 -5.60 -3.17
CA LEU B 151 9.65 -5.84 -2.32
C LEU B 151 10.72 -4.77 -2.52
N ASP B 152 11.07 -4.54 -3.76
CA ASP B 152 12.09 -3.58 -4.14
C ASP B 152 11.49 -2.61 -5.15
N PRO B 153 11.22 -1.36 -4.71
CA PRO B 153 10.54 -0.38 -5.53
C PRO B 153 11.16 -0.21 -6.91
N MET B 154 10.30 -0.01 -7.90
CA MET B 154 10.70 0.20 -9.27
C MET B 154 10.16 1.57 -9.63
N PHE B 155 11.09 2.49 -9.83
CA PHE B 155 10.83 3.94 -9.88
C PHE B 155 9.84 4.41 -10.95
N ILE B 156 9.73 3.67 -12.06
CA ILE B 156 8.80 4.01 -13.14
C ILE B 156 7.34 3.88 -12.72
N ILE B 157 7.07 2.99 -11.79
CA ILE B 157 5.68 2.60 -11.45
C ILE B 157 5.38 2.69 -9.95
N PRO B 158 5.34 3.92 -9.43
CA PRO B 158 5.20 4.12 -7.99
C PRO B 158 3.82 3.76 -7.41
N VAL B 159 2.76 3.98 -8.16
CA VAL B 159 1.40 3.73 -7.58
C VAL B 159 1.08 2.24 -7.55
N TYR B 160 1.25 1.58 -8.68
CA TYR B 160 1.23 0.11 -8.79
C TYR B 160 2.06 -0.57 -7.72
N GLY B 161 3.29 -0.10 -7.56
CA GLY B 161 4.22 -0.66 -6.61
C GLY B 161 3.77 -0.56 -5.17
N ALA B 162 3.24 0.61 -4.86
CA ALA B 162 2.65 0.83 -3.54
C ALA B 162 1.59 -0.22 -3.23
N THR B 163 0.73 -0.50 -4.20
CA THR B 163 -0.34 -1.50 -3.98
C THR B 163 0.28 -2.87 -3.78
N LYS B 164 1.39 -3.13 -4.47
CA LYS B 164 2.06 -4.42 -4.33
C LYS B 164 2.71 -4.59 -3.00
N ALA B 165 3.29 -3.51 -2.48
CA ALA B 165 3.88 -3.54 -1.14
C ALA B 165 2.80 -3.74 -0.07
N GLY B 166 1.66 -3.09 -0.28
CA GLY B 166 0.54 -3.24 0.63
C GLY B 166 0.07 -4.66 0.76
N ILE B 167 -0.01 -5.36 -0.37
CA ILE B 167 -0.47 -6.75 -0.42
C ILE B 167 0.39 -7.65 0.45
N ILE B 168 1.69 -7.44 0.39
CA ILE B 168 2.64 -8.20 1.19
C ILE B 168 2.34 -8.01 2.68
N ASN B 169 2.32 -6.76 3.10
CA ASN B 169 2.06 -6.39 4.50
C ASN B 169 0.75 -6.96 5.01
N PHE B 170 -0.29 -6.77 4.21
CA PHE B 170 -1.62 -7.33 4.49
C PHE B 170 -1.57 -8.84 4.72
N THR B 171 -0.95 -9.52 3.78
CA THR B 171 -0.97 -10.98 3.77
C THR B 171 -0.11 -11.57 4.90
N ARG B 172 1.05 -11.00 5.13
CA ARG B 172 1.88 -11.43 6.25
C ARG B 172 1.18 -11.29 7.60
N CYS B 173 0.38 -10.24 7.78
CA CYS B 173 -0.36 -10.01 9.00
C CYS B 173 -1.31 -11.15 9.34
N LEU B 174 -2.08 -11.56 8.35
CA LEU B 174 -3.11 -12.60 8.53
C LEU B 174 -2.55 -13.96 8.86
N ALA B 175 -1.26 -14.13 8.60
CA ALA B 175 -0.54 -15.38 8.87
C ALA B 175 -0.09 -15.52 10.30
N ASN B 176 -0.42 -14.57 11.15
CA ASN B 176 -0.03 -14.65 12.53
C ASN B 176 -0.62 -15.88 13.24
N GLU B 177 0.17 -16.47 14.13
CA GLU B 177 -0.23 -17.69 14.89
C GLU B 177 -1.60 -17.55 15.60
N LYS B 178 -1.86 -16.35 16.11
CA LYS B 178 -3.15 -15.99 16.73
C LYS B 178 -4.33 -16.39 15.89
N TYR B 179 -4.29 -16.00 14.60
CA TYR B 179 -5.34 -16.32 13.63
C TYR B 179 -5.31 -17.79 13.25
N TYR B 180 -4.12 -18.34 13.06
CA TYR B 180 -3.99 -19.69 12.50
C TYR B 180 -4.60 -20.78 13.38
N GLN B 181 -4.28 -20.71 14.67
CA GLN B 181 -4.81 -21.65 15.66
C GLN B 181 -6.33 -21.71 15.66
N ARG B 182 -6.96 -20.56 15.47
CA ARG B 182 -8.41 -20.44 15.48
C ARG B 182 -9.04 -20.85 14.15
N SER B 183 -8.48 -20.40 13.04
CA SER B 183 -9.09 -20.57 11.72
C SER B 183 -8.55 -21.78 10.96
N GLY B 184 -7.29 -22.11 11.19
CA GLY B 184 -6.60 -23.09 10.35
C GLY B 184 -6.39 -22.66 8.89
N ILE B 185 -6.45 -21.35 8.63
CA ILE B 185 -6.22 -20.79 7.30
C ILE B 185 -4.79 -20.27 7.22
N LYS B 186 -4.13 -20.61 6.12
CA LYS B 186 -2.74 -20.16 5.88
C LYS B 186 -2.70 -19.08 4.83
N PHE B 187 -1.71 -18.20 4.96
CA PHE B 187 -1.60 -17.01 4.10
C PHE B 187 -0.19 -16.88 3.50
N VAL B 188 -0.16 -16.86 2.18
CA VAL B 188 1.10 -16.89 1.43
C VAL B 188 1.06 -15.77 0.39
N THR B 189 2.21 -15.15 0.16
CA THR B 189 2.35 -14.12 -0.87
C THR B 189 3.32 -14.59 -1.92
N VAL B 190 3.01 -14.32 -3.19
CA VAL B 190 4.00 -14.54 -4.27
C VAL B 190 4.35 -13.22 -4.95
N CYS B 191 5.62 -13.08 -5.30
CA CYS B 191 6.12 -11.87 -5.89
C CYS B 191 6.83 -12.13 -7.19
N PRO B 192 6.09 -12.17 -8.31
CA PRO B 192 6.75 -12.46 -9.59
C PRO B 192 7.41 -11.26 -10.28
N GLY B 193 8.45 -11.57 -11.05
CA GLY B 193 9.07 -10.61 -11.95
C GLY B 193 8.29 -10.52 -13.26
N ALA B 194 8.86 -9.79 -14.21
CA ALA B 194 8.26 -9.54 -15.53
C ALA B 194 7.77 -10.82 -16.18
N THR B 195 6.60 -10.73 -16.76
CA THR B 195 5.85 -11.87 -17.29
C THR B 195 5.01 -11.39 -18.46
N MET B 196 5.15 -12.05 -19.60
CA MET B 196 4.42 -11.65 -20.79
C MET B 196 2.91 -11.89 -20.66
N THR B 197 2.20 -10.80 -20.40
CA THR B 197 0.76 -10.79 -20.24
C THR B 197 0.20 -9.48 -20.76
N ASP B 198 -1.12 -9.48 -20.91
N ASP B 198 -1.12 -9.45 -20.94
CA ASP B 198 -1.88 -8.31 -21.35
CA ASP B 198 -1.85 -8.22 -21.37
C ASP B 198 -1.81 -7.10 -20.38
C ASP B 198 -1.76 -7.05 -20.38
N MET B 199 -1.30 -7.30 -19.16
CA MET B 199 -1.09 -6.19 -18.20
C MET B 199 -0.21 -5.06 -18.75
N PHE B 200 0.78 -5.44 -19.57
CA PHE B 200 1.72 -4.47 -20.15
C PHE B 200 1.33 -3.89 -21.50
N THR B 201 0.14 -4.23 -21.97
CA THR B 201 -0.34 -3.67 -23.23
C THR B 201 -0.52 -2.16 -23.04
N ASN B 202 0.09 -1.40 -23.94
CA ASN B 202 0.06 0.07 -23.94
C ASN B 202 0.68 0.67 -22.65
N PHE B 203 1.74 0.02 -22.20
CA PHE B 203 2.37 0.32 -20.92
C PHE B 203 2.82 1.77 -20.82
N THR B 204 3.56 2.21 -21.83
CA THR B 204 4.09 3.58 -21.93
C THR B 204 3.00 4.68 -21.89
N GLU B 205 1.82 4.35 -22.37
CA GLU B 205 0.66 5.25 -22.31
C GLU B 205 0.09 5.46 -20.89
N LYS B 206 0.46 4.59 -19.97
CA LYS B 206 -0.16 4.55 -18.66
C LYS B 206 0.77 4.92 -17.50
N ILE B 207 1.99 5.31 -17.81
CA ILE B 207 2.95 5.70 -16.77
C ILE B 207 2.75 7.18 -16.39
N ILE B 208 3.05 7.48 -15.14
CA ILE B 208 2.84 8.81 -14.61
C ILE B 208 3.73 9.84 -15.25
N PHE B 209 5.01 9.55 -15.29
CA PHE B 209 6.03 10.48 -15.82
C PHE B 209 6.44 10.14 -17.25
N PRO B 210 5.94 10.89 -18.25
CA PRO B 210 6.22 10.67 -19.68
C PRO B 210 7.72 10.64 -20.03
N GLU B 211 8.50 11.45 -19.33
CA GLU B 211 9.98 11.49 -19.53
C GLU B 211 10.71 10.24 -19.05
N THR B 212 9.97 9.27 -18.49
CA THR B 212 10.54 7.93 -18.20
C THR B 212 10.13 6.87 -19.24
N SER B 213 9.45 7.27 -20.31
CA SER B 213 9.12 6.34 -21.41
C SER B 213 10.39 5.65 -22.01
N ASP B 214 11.49 6.38 -22.08
CA ASP B 214 12.80 5.81 -22.47
C ASP B 214 13.44 4.84 -21.45
N GLU B 215 12.83 4.66 -20.28
CA GLU B 215 13.27 3.67 -19.26
C GLU B 215 12.40 2.41 -19.20
N THR B 216 11.27 2.42 -19.89
CA THR B 216 10.32 1.28 -19.86
C THR B 216 10.89 -0.04 -20.40
N TYR B 217 11.92 0.05 -21.24
CA TYR B 217 12.64 -1.12 -21.75
C TYR B 217 13.09 -2.04 -20.64
N ARG B 218 13.43 -1.44 -19.49
CA ARG B 218 13.86 -2.17 -18.29
C ARG B 218 12.88 -3.27 -17.88
N ILE B 219 11.61 -2.99 -18.06
CA ILE B 219 10.57 -3.99 -17.85
C ILE B 219 10.28 -4.77 -19.14
N LEU B 220 10.02 -4.05 -20.21
CA LEU B 220 9.42 -4.62 -21.44
C LEU B 220 10.31 -5.59 -22.21
N ASP B 221 11.61 -5.46 -22.06
CA ASP B 221 12.57 -6.39 -22.67
C ASP B 221 12.69 -7.72 -21.93
N ARG B 222 12.17 -7.81 -20.70
CA ARG B 222 12.25 -9.04 -19.88
C ARG B 222 10.98 -9.88 -19.88
N LEU B 223 9.98 -9.48 -20.66
CA LEU B 223 8.68 -10.14 -20.64
C LEU B 223 8.72 -11.59 -21.07
N ASN B 224 9.64 -11.93 -21.96
CA ASN B 224 9.74 -13.27 -22.54
C ASN B 224 10.54 -14.24 -21.67
N LYS B 225 11.03 -13.75 -20.55
CA LYS B 225 11.84 -14.55 -19.64
C LYS B 225 11.03 -15.52 -18.81
N GLN B 226 9.71 -15.31 -18.71
CA GLN B 226 8.79 -16.31 -18.15
C GLN B 226 7.37 -16.02 -18.61
N SER B 227 6.59 -17.08 -18.73
CA SER B 227 5.22 -16.99 -19.24
C SER B 227 4.22 -17.08 -18.11
N ALA B 228 2.99 -16.75 -18.42
CA ALA B 228 1.88 -16.90 -17.49
C ALA B 228 1.75 -18.34 -16.97
N ALA B 229 1.95 -19.31 -17.88
CA ALA B 229 1.96 -20.75 -17.53
C ALA B 229 3.11 -21.09 -16.61
N ASP B 230 4.29 -20.54 -16.87
CA ASP B 230 5.44 -20.78 -16.01
C ASP B 230 5.17 -20.28 -14.60
N VAL B 231 4.67 -19.05 -14.51
CA VAL B 231 4.37 -18.44 -13.20
C VAL B 231 3.33 -19.28 -12.47
N SER B 232 2.31 -19.71 -13.21
CA SER B 232 1.26 -20.53 -12.64
C SER B 232 1.76 -21.88 -12.07
N ARG B 233 2.77 -22.45 -12.72
CA ARG B 233 3.34 -23.72 -12.27
C ARG B 233 4.04 -23.50 -10.98
N CYS B 234 4.79 -22.41 -10.91
CA CYS B 234 5.42 -21.99 -9.66
C CYS B 234 4.41 -21.77 -8.53
N ILE B 235 3.25 -21.24 -8.87
CA ILE B 235 2.19 -21.01 -7.88
C ILE B 235 1.67 -22.32 -7.32
N LEU B 236 1.34 -23.28 -8.20
CA LEU B 236 0.90 -24.63 -7.75
C LEU B 236 1.97 -25.30 -6.87
N ASN B 237 3.23 -25.08 -7.20
CA ASN B 237 4.38 -25.49 -6.39
C ASN B 237 4.33 -24.85 -5.00
N VAL B 238 3.99 -23.55 -4.96
CA VAL B 238 3.87 -22.78 -3.69
C VAL B 238 2.74 -23.35 -2.81
N LEU B 239 1.63 -23.68 -3.45
CA LEU B 239 0.50 -24.33 -2.78
C LEU B 239 0.86 -25.66 -2.12
N GLU B 240 1.61 -26.51 -2.82
CA GLU B 240 2.07 -27.81 -2.29
C GLU B 240 2.94 -27.63 -1.05
N LYS B 241 3.77 -26.60 -1.04
CA LYS B 241 4.61 -26.28 0.13
C LYS B 241 3.78 -25.93 1.37
N ASP B 242 2.64 -25.26 1.15
CA ASP B 242 1.64 -25.00 2.18
C ASP B 242 2.28 -24.46 3.46
N LYS B 243 3.16 -23.48 3.32
CA LYS B 243 3.87 -22.90 4.48
C LYS B 243 3.32 -21.51 4.83
N ASN B 244 2.71 -21.41 6.02
CA ASN B 244 2.03 -20.19 6.47
C ASN B 244 2.99 -19.05 6.66
N GLY B 245 2.59 -17.88 6.18
CA GLY B 245 3.43 -16.68 6.30
C GLY B 245 4.58 -16.52 5.32
N ALA B 246 4.73 -17.47 4.40
CA ALA B 246 5.83 -17.48 3.45
C ALA B 246 5.65 -16.44 2.34
N VAL B 247 6.78 -15.93 1.86
CA VAL B 247 6.83 -15.01 0.72
C VAL B 247 7.76 -15.59 -0.32
N TYR B 248 7.31 -15.69 -1.56
CA TYR B 248 8.11 -16.28 -2.66
C TYR B 248 8.31 -15.32 -3.81
N VAL B 249 9.52 -15.31 -4.35
CA VAL B 249 9.81 -14.57 -5.59
C VAL B 249 9.74 -15.56 -6.76
N ILE B 250 9.08 -15.14 -7.83
CA ILE B 250 8.96 -15.99 -9.03
C ILE B 250 9.64 -15.28 -10.16
N GLU B 251 10.83 -15.76 -10.51
CA GLU B 251 11.68 -15.16 -11.55
C GLU B 251 12.34 -16.22 -12.40
N GLY B 252 12.42 -15.97 -13.70
CA GLY B 252 12.98 -16.92 -14.64
C GLY B 252 12.44 -18.33 -14.46
N LYS B 253 11.12 -18.42 -14.31
CA LYS B 253 10.38 -19.70 -14.22
C LYS B 253 10.62 -20.50 -12.95
N ARG B 254 11.27 -19.88 -11.97
CA ARG B 254 11.62 -20.55 -10.75
C ARG B 254 11.11 -19.87 -9.49
N VAL B 255 10.91 -20.66 -8.45
CA VAL B 255 10.39 -20.16 -7.17
C VAL B 255 11.50 -19.97 -6.17
N TYR B 256 11.59 -18.77 -5.60
CA TYR B 256 12.63 -18.46 -4.60
C TYR B 256 12.01 -18.05 -3.26
N PRO B 257 12.12 -18.90 -2.23
CA PRO B 257 11.60 -18.58 -0.91
C PRO B 257 12.40 -17.49 -0.26
N LEU B 258 11.71 -16.48 0.26
CA LEU B 258 12.36 -15.37 0.95
C LEU B 258 12.32 -15.55 2.44
N GLU B 259 13.44 -15.30 3.06
CA GLU B 259 13.53 -15.24 4.50
C GLU B 259 13.57 -13.75 4.82
N ILE B 260 12.43 -13.21 5.24
CA ILE B 260 12.36 -11.75 5.45
C ILE B 260 12.84 -11.37 6.85
N LYS B 261 13.87 -10.53 6.91
CA LYS B 261 14.45 -10.06 8.16
C LYS B 261 14.06 -8.60 8.38
N PRO B 262 13.79 -8.22 9.65
CA PRO B 262 13.43 -6.84 9.97
C PRO B 262 14.50 -5.83 9.54
N GLN B 263 14.11 -4.58 9.35
CA GLN B 263 15.06 -3.53 8.93
C GLN B 263 16.08 -3.08 10.01
N TRP B 264 17.36 -3.05 9.62
CA TRP B 264 18.48 -2.66 10.52
C TRP B 264 18.49 -1.13 10.73
N THR B 265 18.74 -0.68 11.97
CA THR B 265 18.62 0.71 12.31
C THR B 265 19.96 1.31 12.72
N GLY B 266 20.32 2.41 12.07
CA GLY B 266 21.52 3.16 12.42
C GLY B 266 21.37 3.90 13.76
N LYS B 267 22.49 4.42 14.30
CA LYS B 267 22.50 5.23 15.54
C LYS B 267 21.71 6.53 15.37
N GLU B 268 20.99 6.93 16.42
CA GLU B 268 20.11 8.11 16.39
C GLU B 268 20.87 9.38 16.09
N GLN B 269 20.27 10.23 15.26
CA GLN B 269 20.84 11.54 14.93
C GLN B 269 20.35 12.63 15.90
#